data_6EJ2
#
_entry.id   6EJ2
#
_cell.length_a   101.580
_cell.length_b   101.580
_cell.length_c   170.730
_cell.angle_alpha   90.00
_cell.angle_beta   90.00
_cell.angle_gamma   120.00
#
_symmetry.space_group_name_H-M   'P 61 2 2'
#
loop_
_entity.id
_entity.type
_entity.pdbx_description
1 polymer 'Beta-secretase 1'
2 non-polymer 'compound 28'
3 water water
#
_entity_poly.entity_id   1
_entity_poly.type   'polypeptide(L)'
_entity_poly.pdbx_seq_one_letter_code
;MAQALPWLLLWMGAGVLPAHGTQHGIRLPLRSGLGGAPLGLRLPRETDEEPEEPGRRGSFVEMVDNLRGKSGQGYYVEMT
VGSPPQTLNILVDTGSSNFAVGAAPHPFLHRYYQRQLSSTYRDLRKGVYVPYTQGKWEGELGTDLVSIPHGPNVTVRANI
AAITESDKFFINGSNWEGILGLAYAEIARPDDSLEPFFDSLVKQTHVPNLFSLQLCGAGFPLNQSEVLASVGGSMIIGGI
DHSLYTGSLWYTPIRREWYYEVIIVRVEINGQDLKMDCKEYNYDKSIVDSGTTNLRLPKKVFEAAVKSIKAASSTEKFPD
GFWLGEQLVCWQAGTTPWNIFPVISLYLMGEVTNQSFRITILPQQYLRPVEDVATSQDDCYKFAISQSSTGTVMGAVIME
GFYVVFDRARKRIGFAVSACHVHDEFRTAAVEGPFVTDLMEDCGYNIPQTDESTLMTIAYVMAAICALFMLPLCLMVCQW
RCLRCLRQQHDDFADDISLLK
;
_entity_poly.pdbx_strand_id   A
#
# COMPACT_ATOMS: atom_id res chain seq x y z
N ALA A 37 20.96 8.82 -5.39
CA ALA A 37 21.58 9.70 -4.38
C ALA A 37 22.64 10.59 -5.01
N GLY A 58 -6.56 -10.55 22.53
CA GLY A 58 -6.35 -10.06 21.17
C GLY A 58 -5.16 -10.67 20.48
N SER A 59 -5.23 -11.99 20.20
CA SER A 59 -4.17 -12.76 19.53
C SER A 59 -4.16 -12.51 18.00
N PHE A 60 -3.25 -13.18 17.25
CA PHE A 60 -3.13 -13.02 15.79
C PHE A 60 -4.23 -13.73 15.00
N VAL A 61 -4.59 -14.98 15.40
CA VAL A 61 -5.57 -15.88 14.76
C VAL A 61 -7.00 -15.32 14.73
N GLU A 62 -7.12 -13.15 16.50
CA GLU A 62 -8.23 -12.21 16.45
C GLU A 62 -7.96 -11.08 15.42
N MET A 63 -6.77 -11.05 14.79
CA MET A 63 -6.40 -10.01 13.82
C MET A 63 -6.61 -10.42 12.36
N VAL A 64 -6.76 -11.73 12.06
CA VAL A 64 -7.01 -12.20 10.70
C VAL A 64 -8.37 -11.66 10.22
N ASP A 65 -8.44 -11.17 8.97
CA ASP A 65 -9.64 -10.63 8.34
C ASP A 65 -10.16 -9.32 9.02
N ASN A 66 -9.24 -8.52 9.60
CA ASN A 66 -9.61 -7.25 10.27
C ASN A 66 -9.63 -6.04 9.30
N LEU A 67 -9.32 -6.27 8.01
CA LEU A 67 -9.37 -5.19 7.00
C LEU A 67 -10.54 -5.36 6.04
N ARG A 68 -11.15 -4.23 5.66
CA ARG A 68 -12.26 -4.20 4.71
C ARG A 68 -12.05 -3.05 3.75
N GLY A 69 -12.85 -3.00 2.71
CA GLY A 69 -12.82 -1.91 1.75
C GLY A 69 -13.67 -2.15 0.53
N LYS A 70 -13.60 -1.22 -0.42
CA LYS A 70 -14.28 -1.28 -1.71
C LYS A 70 -13.20 -1.07 -2.76
N SER A 71 -13.37 -1.64 -3.97
CA SER A 71 -12.41 -1.56 -5.07
C SER A 71 -11.97 -0.12 -5.35
N GLY A 72 -10.66 0.10 -5.29
CA GLY A 72 -10.03 1.40 -5.54
C GLY A 72 -10.14 2.41 -4.41
N GLN A 73 -10.83 2.05 -3.30
CA GLN A 73 -11.03 2.96 -2.17
C GLN A 73 -10.13 2.65 -0.95
N GLY A 74 -9.16 1.76 -1.13
CA GLY A 74 -8.21 1.38 -0.09
C GLY A 74 -8.78 0.41 0.93
N TYR A 75 -7.92 0.00 1.88
CA TYR A 75 -8.27 -0.95 2.93
C TYR A 75 -8.29 -0.21 4.25
N TYR A 76 -9.28 -0.52 5.07
CA TYR A 76 -9.43 0.13 6.36
C TYR A 76 -9.57 -0.84 7.50
N VAL A 77 -9.18 -0.38 8.69
CA VAL A 77 -9.23 -1.12 9.95
C VAL A 77 -10.13 -0.35 10.93
N GLU A 78 -10.83 -1.08 11.80
CA GLU A 78 -11.66 -0.44 12.82
C GLU A 78 -10.73 0.04 13.96
N MET A 79 -10.94 1.28 14.40
CA MET A 79 -10.16 1.82 15.53
C MET A 79 -11.11 2.55 16.48
N THR A 80 -10.67 2.78 17.72
CA THR A 80 -11.44 3.59 18.67
C THR A 80 -10.56 4.70 19.17
N VAL A 81 -11.14 5.90 19.31
CA VAL A 81 -10.43 7.08 19.79
C VAL A 81 -11.24 7.70 20.93
N GLY A 82 -10.55 8.21 21.93
CA GLY A 82 -11.16 8.90 23.05
C GLY A 82 -11.77 8.04 24.13
N SER A 83 -12.29 8.71 25.17
CA SER A 83 -12.95 8.09 26.32
C SER A 83 -14.28 8.82 26.60
N PRO A 84 -15.45 8.16 26.48
CA PRO A 84 -15.66 6.75 26.06
C PRO A 84 -15.24 6.52 24.61
N PRO A 85 -14.90 5.28 24.21
CA PRO A 85 -14.42 5.05 22.84
C PRO A 85 -15.39 5.41 21.72
N GLN A 86 -14.87 6.08 20.68
CA GLN A 86 -15.59 6.45 19.47
C GLN A 86 -15.05 5.58 18.34
N THR A 87 -15.92 4.76 17.74
CA THR A 87 -15.54 3.83 16.67
C THR A 87 -15.42 4.55 15.35
N LEU A 88 -14.32 4.31 14.64
CA LEU A 88 -14.06 4.90 13.33
C LEU A 88 -13.35 3.88 12.46
N ASN A 89 -13.63 3.91 11.14
CA ASN A 89 -12.95 3.08 10.15
C ASN A 89 -11.82 3.91 9.57
N ILE A 90 -10.60 3.40 9.66
CA ILE A 90 -9.40 4.14 9.28
C ILE A 90 -8.58 3.46 8.18
N LEU A 91 -8.29 4.19 7.08
CA LEU A 91 -7.47 3.71 5.96
C LEU A 91 -6.05 3.38 6.43
N VAL A 92 -5.57 2.18 6.08
CA VAL A 92 -4.24 1.70 6.43
C VAL A 92 -3.30 2.20 5.33
N ASP A 93 -2.37 3.10 5.69
CA ASP A 93 -1.52 3.74 4.71
C ASP A 93 -0.05 3.70 5.05
N THR A 94 0.69 2.79 4.40
CA THR A 94 2.13 2.69 4.61
C THR A 94 2.91 3.80 3.87
N GLY A 95 2.21 4.65 3.11
CA GLY A 95 2.84 5.72 2.35
C GLY A 95 2.81 7.09 3.00
N SER A 96 2.33 7.18 4.26
CA SER A 96 2.25 8.43 5.02
C SER A 96 2.47 8.15 6.52
N SER A 97 2.58 9.21 7.36
CA SER A 97 2.95 9.06 8.77
C SER A 97 2.07 9.78 9.81
N ASN A 98 0.93 10.35 9.38
CA ASN A 98 0.03 11.01 10.30
C ASN A 98 -1.18 10.14 10.58
N PHE A 99 -1.70 10.24 11.81
CA PHE A 99 -2.98 9.65 12.19
C PHE A 99 -3.91 10.85 12.09
N ALA A 100 -4.66 10.93 10.98
CA ALA A 100 -5.52 12.08 10.66
C ALA A 100 -6.95 11.57 10.51
N VAL A 101 -7.89 12.15 11.30
CA VAL A 101 -9.29 11.70 11.29
CA VAL A 101 -9.29 11.69 11.29
C VAL A 101 -10.26 12.85 11.08
N GLY A 102 -11.33 12.60 10.32
CA GLY A 102 -12.39 13.57 10.08
C GLY A 102 -12.96 13.94 11.44
N ALA A 103 -13.06 15.24 11.72
CA ALA A 103 -13.56 15.71 13.01
C ALA A 103 -14.72 16.70 12.89
N ALA A 104 -15.34 16.77 11.69
CA ALA A 104 -16.44 17.67 11.39
C ALA A 104 -17.44 16.94 10.48
N PRO A 105 -18.73 17.34 10.50
CA PRO A 105 -19.74 16.62 9.71
C PRO A 105 -19.72 16.83 8.19
N HIS A 106 -18.63 16.41 7.54
CA HIS A 106 -18.50 16.41 6.08
C HIS A 106 -19.65 15.50 5.59
N PRO A 107 -20.47 15.95 4.61
CA PRO A 107 -21.63 15.13 4.16
C PRO A 107 -21.30 13.71 3.70
N PHE A 108 -20.06 13.45 3.24
CA PHE A 108 -19.60 12.13 2.77
C PHE A 108 -19.27 11.17 3.91
N LEU A 109 -19.10 11.67 5.14
CA LEU A 109 -18.66 10.85 6.28
C LEU A 109 -19.78 10.15 7.04
N HIS A 110 -19.59 8.83 7.32
CA HIS A 110 -20.56 8.06 8.10
C HIS A 110 -20.49 8.47 9.57
N ARG A 111 -19.27 8.80 10.02
CA ARG A 111 -19.00 9.20 11.40
C ARG A 111 -17.73 10.05 11.47
N TYR A 112 -17.50 10.68 12.61
CA TYR A 112 -16.34 11.55 12.80
C TYR A 112 -15.99 11.69 14.26
N TYR A 113 -14.75 12.08 14.53
CA TYR A 113 -14.19 12.27 15.85
C TYR A 113 -14.79 13.53 16.49
N GLN A 114 -15.45 13.36 17.62
CA GLN A 114 -16.08 14.46 18.35
C GLN A 114 -15.29 14.68 19.62
N ARG A 115 -14.27 15.56 19.53
CA ARG A 115 -13.34 15.86 20.64
C ARG A 115 -14.02 16.30 21.93
N GLN A 116 -15.19 17.00 21.83
CA GLN A 116 -15.93 17.47 22.99
C GLN A 116 -16.47 16.33 23.89
N LEU A 117 -16.63 15.10 23.33
CA LEU A 117 -17.13 13.93 24.05
C LEU A 117 -16.00 13.12 24.72
N SER A 118 -14.73 13.49 24.48
CA SER A 118 -13.61 12.75 25.06
C SER A 118 -12.98 13.41 26.28
N SER A 119 -13.01 12.69 27.42
CA SER A 119 -12.43 13.18 28.67
C SER A 119 -10.89 13.09 28.67
N THR A 120 -10.33 12.28 27.76
CA THR A 120 -8.88 12.05 27.68
C THR A 120 -8.22 12.86 26.54
N TYR A 121 -9.02 13.65 25.80
CA TYR A 121 -8.52 14.52 24.74
C TYR A 121 -7.61 15.62 25.32
N ARG A 122 -6.47 15.88 24.64
CA ARG A 122 -5.52 16.93 25.02
C ARG A 122 -5.18 17.73 23.76
N ASP A 123 -5.35 19.06 23.84
CA ASP A 123 -5.09 19.96 22.71
C ASP A 123 -3.61 20.30 22.63
N LEU A 124 -3.02 20.18 21.43
CA LEU A 124 -1.61 20.52 21.22
C LEU A 124 -1.41 21.99 20.82
N ARG A 125 -2.53 22.74 20.63
CA ARG A 125 -2.55 24.16 20.26
C ARG A 125 -1.71 24.46 19.00
N LYS A 126 -1.85 23.60 17.98
CA LYS A 126 -1.09 23.69 16.75
C LYS A 126 -1.92 23.16 15.60
N GLY A 127 -1.91 23.90 14.50
CA GLY A 127 -2.63 23.51 13.29
C GLY A 127 -1.68 23.05 12.21
N VAL A 128 -2.22 22.37 11.19
CA VAL A 128 -1.42 21.87 10.07
C VAL A 128 -2.23 21.97 8.76
N TYR A 129 -1.59 22.47 7.69
CA TYR A 129 -2.17 22.61 6.36
C TYR A 129 -1.34 21.70 5.47
N VAL A 130 -1.97 20.64 4.95
CA VAL A 130 -1.27 19.61 4.19
C VAL A 130 -1.73 19.54 2.71
N PRO A 131 -1.00 20.23 1.81
CA PRO A 131 -1.30 20.07 0.37
C PRO A 131 -0.64 18.81 -0.16
N TYR A 132 -1.23 18.15 -1.16
CA TYR A 132 -0.65 16.97 -1.81
C TYR A 132 -1.12 16.88 -3.26
N THR A 133 -0.55 15.95 -4.04
CA THR A 133 -0.98 15.78 -5.43
C THR A 133 -2.25 14.97 -5.40
N GLN A 134 -3.37 15.66 -5.68
CA GLN A 134 -4.78 15.22 -5.74
C GLN A 134 -5.70 16.02 -4.80
N GLY A 135 -5.13 16.80 -3.86
CA GLY A 135 -5.95 17.61 -2.95
C GLY A 135 -5.25 18.21 -1.75
N LYS A 136 -5.99 18.35 -0.63
CA LYS A 136 -5.47 18.91 0.63
C LYS A 136 -6.30 18.54 1.85
N TRP A 137 -5.69 18.67 3.02
CA TRP A 137 -6.36 18.52 4.31
C TRP A 137 -5.78 19.46 5.32
N GLU A 138 -6.62 19.96 6.21
CA GLU A 138 -6.23 20.89 7.26
C GLU A 138 -6.72 20.32 8.57
N GLY A 139 -5.86 20.32 9.57
CA GLY A 139 -6.17 19.74 10.87
C GLY A 139 -5.69 20.50 12.07
N GLU A 140 -6.22 20.10 13.22
CA GLU A 140 -5.88 20.64 14.54
C GLU A 140 -5.23 19.50 15.30
N LEU A 141 -3.97 19.69 15.69
CA LEU A 141 -3.22 18.65 16.37
C LEU A 141 -3.65 18.49 17.83
N GLY A 142 -3.71 17.24 18.26
CA GLY A 142 -4.06 16.88 19.63
C GLY A 142 -3.59 15.47 19.95
N THR A 143 -3.86 15.01 21.17
CA THR A 143 -3.55 13.65 21.60
C THR A 143 -4.79 13.06 22.26
N ASP A 144 -4.93 11.73 22.19
CA ASP A 144 -6.02 11.00 22.83
C ASP A 144 -5.70 9.51 22.93
N LEU A 145 -6.52 8.78 23.70
CA LEU A 145 -6.37 7.33 23.85
C LEU A 145 -6.91 6.67 22.61
N VAL A 146 -6.14 5.72 22.08
CA VAL A 146 -6.46 5.01 20.85
C VAL A 146 -6.29 3.51 21.07
N SER A 147 -7.23 2.72 20.51
CA SER A 147 -7.22 1.27 20.57
CA SER A 147 -7.22 1.27 20.57
C SER A 147 -7.64 0.70 19.20
N ILE A 148 -7.32 -0.59 18.96
CA ILE A 148 -7.67 -1.28 17.71
C ILE A 148 -8.46 -2.52 18.17
N PRO A 149 -9.82 -2.54 18.06
CA PRO A 149 -10.60 -3.69 18.56
C PRO A 149 -10.13 -5.04 18.06
N HIS A 150 -9.81 -5.16 16.76
CA HIS A 150 -9.33 -6.41 16.18
C HIS A 150 -7.81 -6.34 15.98
N GLY A 151 -7.14 -5.92 17.05
CA GLY A 151 -5.70 -5.76 17.12
C GLY A 151 -5.20 -6.15 18.50
N PRO A 152 -4.03 -5.67 18.95
CA PRO A 152 -3.55 -6.03 20.30
C PRO A 152 -4.45 -5.46 21.39
N ASN A 153 -4.55 -6.17 22.52
CA ASN A 153 -5.39 -5.74 23.65
C ASN A 153 -4.66 -4.65 24.46
N VAL A 154 -4.43 -3.48 23.83
CA VAL A 154 -3.72 -2.35 24.43
C VAL A 154 -4.44 -1.03 24.12
N THR A 155 -4.12 0.01 24.90
CA THR A 155 -4.63 1.37 24.72
C THR A 155 -3.40 2.30 24.80
N VAL A 156 -3.23 3.17 23.79
CA VAL A 156 -2.08 4.09 23.76
C VAL A 156 -2.49 5.55 23.59
N ARG A 157 -1.64 6.47 24.08
CA ARG A 157 -1.91 7.89 23.87
C ARG A 157 -1.15 8.24 22.59
N ALA A 158 -1.91 8.58 21.53
CA ALA A 158 -1.30 8.91 20.26
C ALA A 158 -1.66 10.32 19.77
N ASN A 159 -0.83 10.85 18.85
CA ASN A 159 -1.11 12.13 18.20
C ASN A 159 -2.26 11.90 17.23
N ILE A 160 -3.20 12.83 17.19
CA ILE A 160 -4.33 12.75 16.27
C ILE A 160 -4.50 14.13 15.64
N ALA A 161 -4.55 14.19 14.31
CA ALA A 161 -4.84 15.42 13.61
C ALA A 161 -6.34 15.40 13.30
N ALA A 162 -7.07 16.28 13.97
CA ALA A 162 -8.51 16.41 13.80
C ALA A 162 -8.73 17.23 12.51
N ILE A 163 -9.20 16.57 11.45
CA ILE A 163 -9.41 17.20 10.13
C ILE A 163 -10.65 18.08 10.17
N THR A 164 -10.44 19.39 9.92
CA THR A 164 -11.46 20.43 9.98
C THR A 164 -11.86 20.99 8.60
N GLU A 165 -11.04 20.76 7.58
CA GLU A 165 -11.31 21.15 6.18
C GLU A 165 -10.48 20.28 5.26
N SER A 166 -11.03 19.96 4.10
CA SER A 166 -10.34 19.12 3.12
C SER A 166 -10.90 19.32 1.72
N ASP A 167 -10.14 18.85 0.73
CA ASP A 167 -10.50 18.90 -0.68
C ASP A 167 -9.92 17.67 -1.32
N LYS A 168 -10.79 16.86 -1.94
CA LYS A 168 -10.44 15.61 -2.63
C LYS A 168 -9.64 14.66 -1.71
N PHE A 169 -10.01 14.64 -0.41
CA PHE A 169 -9.39 13.79 0.59
C PHE A 169 -10.31 12.60 0.85
N PHE A 170 -11.51 12.86 1.38
CA PHE A 170 -12.53 11.84 1.62
C PHE A 170 -13.16 11.45 0.29
N ILE A 171 -13.55 10.17 0.17
CA ILE A 171 -14.17 9.64 -1.05
C ILE A 171 -15.68 9.58 -0.90
N ASN A 172 -16.42 10.07 -1.92
CA ASN A 172 -17.89 10.02 -1.96
C ASN A 172 -18.30 8.57 -2.18
N GLY A 173 -18.85 7.96 -1.15
CA GLY A 173 -19.29 6.57 -1.19
C GLY A 173 -18.40 5.60 -0.45
N SER A 174 -17.32 6.09 0.21
CA SER A 174 -16.42 5.19 0.95
C SER A 174 -16.90 5.02 2.38
N ASN A 175 -16.35 4.00 3.09
CA ASN A 175 -16.74 3.68 4.46
C ASN A 175 -15.62 3.97 5.50
N TRP A 176 -14.63 4.81 5.15
CA TRP A 176 -13.57 5.20 6.07
C TRP A 176 -13.63 6.70 6.35
N GLU A 177 -13.13 7.12 7.53
CA GLU A 177 -13.24 8.52 8.02
C GLU A 177 -11.90 9.09 8.46
N GLY A 178 -10.84 8.31 8.31
CA GLY A 178 -9.50 8.77 8.68
C GLY A 178 -8.43 7.94 8.02
N ILE A 179 -7.18 8.32 8.25
CA ILE A 179 -6.03 7.64 7.68
C ILE A 179 -5.03 7.36 8.78
N LEU A 180 -4.52 6.12 8.80
CA LEU A 180 -3.49 5.66 9.73
C LEU A 180 -2.19 5.59 8.95
N GLY A 181 -1.38 6.62 9.10
CA GLY A 181 -0.08 6.71 8.47
C GLY A 181 0.91 5.83 9.21
N LEU A 182 1.30 4.71 8.59
CA LEU A 182 2.18 3.70 9.19
C LEU A 182 3.68 3.90 8.90
N ALA A 183 4.04 4.91 8.08
CA ALA A 183 5.45 5.19 7.77
C ALA A 183 6.16 5.97 8.92
N TYR A 184 7.39 6.45 8.68
CA TYR A 184 8.24 7.02 9.72
C TYR A 184 8.10 8.53 9.95
N ALA A 185 8.58 8.99 11.13
CA ALA A 185 8.51 10.39 11.57
C ALA A 185 9.07 11.42 10.58
N GLU A 186 10.13 11.05 9.81
CA GLU A 186 10.74 11.95 8.83
C GLU A 186 9.73 12.64 7.89
N ILE A 187 8.66 11.92 7.49
CA ILE A 187 7.64 12.47 6.60
C ILE A 187 6.33 12.87 7.35
N ALA A 188 6.35 12.93 8.70
CA ALA A 188 5.17 13.37 9.45
C ALA A 188 4.96 14.87 9.25
N ARG A 189 3.68 15.30 9.16
CA ARG A 189 3.34 16.73 9.03
C ARG A 189 2.93 17.24 10.41
N PRO A 190 3.40 18.42 10.87
CA PRO A 190 4.25 19.40 10.18
C PRO A 190 5.76 19.11 10.16
N ASP A 191 6.24 18.26 11.07
CA ASP A 191 7.66 17.89 11.18
C ASP A 191 7.85 16.57 11.92
N ASP A 192 9.12 16.07 11.99
CA ASP A 192 9.46 14.78 12.61
C ASP A 192 9.28 14.71 14.15
N SER A 193 8.91 15.82 14.81
CA SER A 193 8.66 15.78 16.26
C SER A 193 7.25 15.24 16.55
N LEU A 194 6.37 15.17 15.52
CA LEU A 194 5.04 14.60 15.71
C LEU A 194 5.12 13.08 15.55
N GLU A 195 5.30 12.40 16.68
CA GLU A 195 5.44 10.95 16.78
C GLU A 195 4.31 10.16 16.06
N PRO A 196 4.62 9.33 15.02
CA PRO A 196 3.54 8.56 14.36
C PRO A 196 2.93 7.53 15.32
N PHE A 197 1.71 7.05 14.99
CA PHE A 197 0.96 6.10 15.82
C PHE A 197 1.76 4.85 16.17
N PHE A 198 2.35 4.19 15.16
CA PHE A 198 3.08 2.93 15.42
C PHE A 198 4.27 3.12 16.37
N ASP A 199 4.96 4.29 16.30
CA ASP A 199 6.07 4.60 17.21
C ASP A 199 5.55 4.74 18.65
N SER A 200 4.36 5.35 18.82
CA SER A 200 3.72 5.51 20.15
C SER A 200 3.32 4.14 20.69
N LEU A 201 2.74 3.30 19.81
CA LEU A 201 2.31 1.95 20.13
C LEU A 201 3.45 1.10 20.70
N VAL A 202 4.60 1.04 19.99
CA VAL A 202 5.76 0.24 20.43
C VAL A 202 6.43 0.84 21.68
N LYS A 203 6.48 2.17 21.80
CA LYS A 203 7.10 2.83 22.95
C LYS A 203 6.30 2.65 24.25
N GLN A 204 4.96 2.61 24.15
CA GLN A 204 4.09 2.51 25.32
C GLN A 204 3.65 1.09 25.71
N THR A 205 3.92 0.08 24.86
CA THR A 205 3.49 -1.29 25.13
C THR A 205 4.63 -2.30 24.85
N HIS A 206 4.31 -3.59 24.97
CA HIS A 206 5.25 -4.67 24.67
C HIS A 206 4.99 -5.21 23.26
N VAL A 207 4.19 -4.49 22.45
CA VAL A 207 3.88 -4.90 21.08
C VAL A 207 5.17 -4.89 20.25
N PRO A 208 5.58 -6.03 19.64
CA PRO A 208 6.83 -6.04 18.84
C PRO A 208 6.80 -5.03 17.69
N ASN A 209 7.97 -4.43 17.41
CA ASN A 209 8.11 -3.39 16.39
C ASN A 209 8.07 -3.96 14.96
N LEU A 210 6.88 -4.46 14.57
CA LEU A 210 6.62 -5.09 13.28
C LEU A 210 5.12 -5.15 13.04
N PHE A 211 4.71 -5.07 11.77
CA PHE A 211 3.33 -5.32 11.36
C PHE A 211 3.39 -5.97 9.99
N SER A 212 2.36 -6.73 9.64
CA SER A 212 2.29 -7.38 8.33
C SER A 212 0.94 -7.16 7.69
N LEU A 213 0.93 -7.07 6.36
CA LEU A 213 -0.30 -6.85 5.60
C LEU A 213 -0.55 -7.92 4.55
N GLN A 214 -1.78 -8.46 4.54
CA GLN A 214 -2.26 -9.37 3.51
C GLN A 214 -3.49 -8.65 2.91
N LEU A 215 -3.35 -8.07 1.74
CA LEU A 215 -4.43 -7.37 1.04
C LEU A 215 -4.92 -8.33 -0.03
N CYS A 216 -6.17 -8.76 0.07
CA CYS A 216 -6.69 -9.82 -0.78
C CYS A 216 -7.45 -9.37 -2.03
N GLY A 217 -8.01 -8.17 -2.02
CA GLY A 217 -8.79 -7.68 -3.15
C GLY A 217 -10.13 -8.40 -3.23
N ALA A 218 -10.57 -8.73 -4.44
CA ALA A 218 -11.85 -9.43 -4.68
C ALA A 218 -11.71 -10.47 -5.78
N ALA A 229 -17.39 -4.03 -5.71
CA ALA A 229 -17.12 -5.22 -4.92
C ALA A 229 -16.37 -4.92 -3.62
N SER A 230 -16.70 -5.69 -2.57
CA SER A 230 -16.07 -5.56 -1.26
C SER A 230 -14.72 -6.28 -1.27
N VAL A 231 -13.70 -5.64 -0.69
CA VAL A 231 -12.36 -6.21 -0.58
C VAL A 231 -12.07 -6.50 0.89
N GLY A 232 -11.13 -7.39 1.16
CA GLY A 232 -10.78 -7.77 2.51
C GLY A 232 -9.31 -8.07 2.66
N GLY A 233 -8.89 -8.20 3.90
CA GLY A 233 -7.49 -8.52 4.21
C GLY A 233 -7.20 -8.56 5.69
N SER A 234 -5.90 -8.61 6.03
CA SER A 234 -5.44 -8.68 7.40
C SER A 234 -4.27 -7.77 7.68
N MET A 235 -4.29 -7.13 8.85
CA MET A 235 -3.17 -6.36 9.36
C MET A 235 -2.82 -7.01 10.68
N ILE A 236 -1.72 -7.77 10.71
CA ILE A 236 -1.27 -8.45 11.93
C ILE A 236 -0.32 -7.47 12.60
N ILE A 237 -0.77 -6.92 13.72
CA ILE A 237 0.00 -5.91 14.47
C ILE A 237 0.87 -6.62 15.50
N GLY A 238 2.19 -6.40 15.40
CA GLY A 238 3.17 -6.99 16.31
C GLY A 238 3.63 -8.39 15.97
N GLY A 239 3.32 -8.85 14.76
CA GLY A 239 3.73 -10.19 14.37
C GLY A 239 3.39 -10.63 12.98
N ILE A 240 3.60 -11.94 12.75
CA ILE A 240 3.37 -12.61 11.48
C ILE A 240 2.47 -13.82 11.70
N ASP A 241 1.50 -14.04 10.80
CA ASP A 241 0.62 -15.19 10.84
C ASP A 241 1.02 -16.06 9.65
N HIS A 242 1.64 -17.21 9.92
CA HIS A 242 2.18 -18.10 8.89
C HIS A 242 1.09 -18.74 7.97
N SER A 243 -0.19 -18.68 8.34
CA SER A 243 -1.29 -19.21 7.51
C SER A 243 -1.66 -18.24 6.36
N LEU A 244 -1.13 -17.01 6.39
CA LEU A 244 -1.44 -15.98 5.39
C LEU A 244 -0.54 -16.06 4.14
N TYR A 245 0.48 -16.93 4.17
CA TYR A 245 1.40 -17.07 3.05
C TYR A 245 1.85 -18.50 2.82
N THR A 246 2.33 -18.78 1.60
CA THR A 246 2.89 -20.07 1.19
C THR A 246 4.37 -19.84 0.85
N GLY A 247 5.18 -20.90 0.92
CA GLY A 247 6.60 -20.82 0.65
C GLY A 247 7.35 -20.02 1.71
N SER A 248 8.48 -19.40 1.34
CA SER A 248 9.29 -18.63 2.28
C SER A 248 9.17 -17.11 2.14
N LEU A 249 9.42 -16.39 3.24
CA LEU A 249 9.47 -14.94 3.22
C LEU A 249 10.88 -14.59 2.75
N TRP A 250 10.98 -13.58 1.88
CA TRP A 250 12.24 -13.05 1.38
C TRP A 250 12.29 -11.58 1.75
N TYR A 251 13.41 -11.12 2.36
CA TYR A 251 13.53 -9.75 2.86
C TYR A 251 14.39 -8.83 2.01
N THR A 252 13.93 -7.57 1.86
CA THR A 252 14.66 -6.50 1.19
C THR A 252 14.92 -5.41 2.24
N PRO A 253 16.13 -4.82 2.31
CA PRO A 253 16.38 -3.82 3.36
C PRO A 253 15.59 -2.53 3.17
N ILE A 254 15.16 -1.89 4.27
CA ILE A 254 14.52 -0.57 4.19
C ILE A 254 15.72 0.39 4.03
N ARG A 255 15.86 1.01 2.84
CA ARG A 255 17.00 1.88 2.55
C ARG A 255 17.14 3.06 3.53
N ARG A 256 16.01 3.67 3.89
CA ARG A 256 15.96 4.84 4.76
C ARG A 256 14.59 4.83 5.40
N GLU A 257 14.55 5.19 6.69
CA GLU A 257 13.32 5.23 7.46
C GLU A 257 12.61 6.59 7.31
N TRP A 258 11.82 6.72 6.25
CA TRP A 258 10.99 7.91 5.99
C TRP A 258 9.71 7.33 5.39
N TYR A 259 9.69 7.03 4.08
CA TYR A 259 8.68 6.19 3.47
C TYR A 259 9.29 4.78 3.71
N TYR A 260 8.59 3.70 3.31
CA TYR A 260 9.20 2.37 3.37
C TYR A 260 9.96 2.24 2.05
N GLU A 261 11.17 2.82 2.00
CA GLU A 261 11.96 2.87 0.79
C GLU A 261 12.75 1.58 0.56
N VAL A 262 12.69 1.07 -0.66
CA VAL A 262 13.39 -0.15 -1.08
C VAL A 262 14.17 0.14 -2.36
N ILE A 263 14.96 -0.84 -2.80
CA ILE A 263 15.76 -0.76 -4.01
C ILE A 263 15.43 -1.91 -4.94
N ILE A 264 14.94 -1.56 -6.15
CA ILE A 264 14.64 -2.49 -7.25
C ILE A 264 15.93 -2.58 -8.06
N VAL A 265 16.41 -3.80 -8.33
CA VAL A 265 17.71 -4.00 -9.01
C VAL A 265 17.60 -4.49 -10.45
N ARG A 266 16.44 -5.07 -10.80
CA ARG A 266 16.18 -5.64 -12.13
C ARG A 266 14.66 -5.71 -12.35
N VAL A 267 14.24 -5.56 -13.62
CA VAL A 267 12.83 -5.64 -13.99
C VAL A 267 12.75 -6.54 -15.24
N GLU A 268 11.83 -7.52 -15.22
CA GLU A 268 11.62 -8.44 -16.34
C GLU A 268 10.14 -8.51 -16.72
N ILE A 269 9.87 -8.62 -18.02
CA ILE A 269 8.51 -8.80 -18.54
C ILE A 269 8.53 -10.19 -19.18
N ASN A 270 7.78 -11.15 -18.60
CA ASN A 270 7.75 -12.55 -19.07
C ASN A 270 9.17 -13.16 -19.11
N GLY A 271 9.99 -12.85 -18.10
CA GLY A 271 11.37 -13.30 -17.99
C GLY A 271 12.37 -12.54 -18.84
N GLN A 272 11.91 -11.55 -19.62
CA GLN A 272 12.77 -10.75 -20.48
C GLN A 272 13.18 -9.44 -19.78
N ASP A 273 14.48 -9.32 -19.52
CA ASP A 273 15.10 -8.17 -18.86
C ASP A 273 14.86 -6.87 -19.64
N LEU A 274 14.46 -5.78 -18.94
CA LEU A 274 14.26 -4.46 -19.56
C LEU A 274 15.60 -3.84 -19.98
N LYS A 275 16.71 -4.33 -19.37
CA LYS A 275 18.12 -3.97 -19.64
C LYS A 275 18.44 -2.48 -19.44
N MET A 276 17.72 -1.83 -18.52
CA MET A 276 17.95 -0.42 -18.20
C MET A 276 18.96 -0.28 -17.07
N ASP A 277 19.60 0.90 -16.96
CA ASP A 277 20.49 1.24 -15.85
C ASP A 277 19.56 1.15 -14.62
N CYS A 278 19.91 0.32 -13.62
CA CYS A 278 19.03 0.07 -12.49
C CYS A 278 18.69 1.32 -11.64
N LYS A 279 19.47 2.42 -11.74
CA LYS A 279 19.15 3.67 -11.05
C LYS A 279 17.79 4.22 -11.53
N GLU A 280 17.45 3.94 -12.81
CA GLU A 280 16.21 4.38 -13.45
C GLU A 280 14.97 3.81 -12.73
N TYR A 281 15.07 2.56 -12.23
CA TYR A 281 13.99 1.89 -11.49
C TYR A 281 13.71 2.53 -10.14
N ASN A 282 14.68 3.28 -9.59
CA ASN A 282 14.54 3.91 -8.28
C ASN A 282 14.72 5.43 -8.36
N TYR A 283 14.35 6.03 -9.50
CA TYR A 283 14.50 7.47 -9.71
C TYR A 283 13.18 8.19 -9.38
N ASP A 284 13.10 8.94 -8.25
CA ASP A 284 14.16 9.25 -7.28
C ASP A 284 14.10 8.36 -6.01
N LYS A 285 13.13 7.45 -5.95
CA LYS A 285 12.95 6.50 -4.85
C LYS A 285 12.00 5.37 -5.31
N SER A 286 11.96 4.27 -4.55
CA SER A 286 11.01 3.18 -4.74
C SER A 286 10.44 2.90 -3.36
N ILE A 287 9.11 2.89 -3.24
CA ILE A 287 8.44 2.71 -1.95
C ILE A 287 7.34 1.64 -1.99
N VAL A 288 7.00 1.10 -0.81
CA VAL A 288 5.91 0.13 -0.63
C VAL A 288 4.77 0.94 0.01
N ASP A 289 3.67 1.14 -0.73
CA ASP A 289 2.57 2.02 -0.31
C ASP A 289 1.19 1.39 -0.42
N SER A 290 0.61 1.01 0.74
CA SER A 290 -0.74 0.44 0.78
C SER A 290 -1.82 1.46 0.44
N GLY A 291 -1.48 2.75 0.48
CA GLY A 291 -2.41 3.84 0.20
C GLY A 291 -2.46 4.30 -1.24
N THR A 292 -1.81 3.53 -2.14
CA THR A 292 -1.77 3.76 -3.59
C THR A 292 -2.31 2.50 -4.27
N THR A 293 -3.20 2.69 -5.26
CA THR A 293 -3.76 1.55 -5.98
C THR A 293 -2.77 0.91 -6.97
N ASN A 294 -2.25 1.73 -7.90
CA ASN A 294 -1.41 1.29 -9.02
C ASN A 294 0.00 0.86 -8.67
N LEU A 295 0.63 0.20 -9.66
CA LEU A 295 2.06 -0.01 -9.64
C LEU A 295 2.50 1.25 -10.41
N ARG A 296 3.14 2.17 -9.73
CA ARG A 296 3.56 3.40 -10.42
C ARG A 296 5.04 3.26 -10.73
N LEU A 297 5.45 3.62 -11.94
CA LEU A 297 6.83 3.50 -12.39
C LEU A 297 7.38 4.83 -12.91
N PRO A 298 8.70 5.09 -12.73
CA PRO A 298 9.28 6.31 -13.33
C PRO A 298 9.02 6.30 -14.83
N LYS A 299 8.76 7.49 -15.41
CA LYS A 299 8.41 7.66 -16.82
C LYS A 299 9.22 6.78 -17.80
N LYS A 300 10.57 6.85 -17.73
CA LYS A 300 11.45 6.10 -18.63
C LYS A 300 11.20 4.59 -18.54
N VAL A 301 10.99 4.10 -17.31
CA VAL A 301 10.74 2.68 -16.99
C VAL A 301 9.36 2.28 -17.50
N PHE A 302 8.34 3.13 -17.25
CA PHE A 302 6.97 2.89 -17.73
C PHE A 302 6.98 2.66 -19.24
N GLU A 303 7.63 3.57 -19.99
CA GLU A 303 7.72 3.51 -21.45
C GLU A 303 8.32 2.18 -21.94
N ALA A 304 9.42 1.73 -21.32
CA ALA A 304 10.06 0.46 -21.70
C ALA A 304 9.21 -0.74 -21.30
N ALA A 305 8.55 -0.69 -20.12
CA ALA A 305 7.69 -1.77 -19.63
C ALA A 305 6.47 -1.93 -20.55
N VAL A 306 5.80 -0.82 -20.91
CA VAL A 306 4.62 -0.82 -21.80
C VAL A 306 4.98 -1.38 -23.16
N LYS A 307 6.12 -0.92 -23.74
CA LYS A 307 6.64 -1.39 -25.03
C LYS A 307 6.77 -2.94 -25.00
N SER A 308 7.36 -3.48 -23.90
CA SER A 308 7.57 -4.92 -23.73
CA SER A 308 7.57 -4.92 -23.73
C SER A 308 6.25 -5.67 -23.53
N ILE A 309 5.32 -5.11 -22.72
CA ILE A 309 3.99 -5.72 -22.46
C ILE A 309 3.20 -5.77 -23.80
N LYS A 310 3.23 -4.66 -24.58
CA LYS A 310 2.55 -4.55 -25.89
C LYS A 310 3.04 -5.67 -26.81
N ALA A 311 4.37 -5.84 -26.89
CA ALA A 311 5.04 -6.84 -27.72
C ALA A 311 4.69 -8.26 -27.29
N ALA A 312 4.65 -8.53 -25.96
CA ALA A 312 4.32 -9.84 -25.40
C ALA A 312 2.86 -10.23 -25.66
N SER A 313 1.95 -9.25 -25.62
CA SER A 313 0.51 -9.43 -25.82
C SER A 313 0.03 -9.07 -27.25
N SER A 314 0.97 -8.96 -28.22
CA SER A 314 0.72 -8.53 -29.61
C SER A 314 -0.31 -9.36 -30.41
N THR A 315 -0.79 -10.50 -29.86
CA THR A 315 -1.83 -11.32 -30.51
C THR A 315 -3.15 -10.53 -30.61
N GLU A 316 -3.37 -9.59 -29.66
CA GLU A 316 -4.53 -8.69 -29.64
C GLU A 316 -4.03 -7.25 -29.54
N LYS A 317 -4.51 -6.37 -30.44
CA LYS A 317 -4.13 -4.95 -30.45
C LYS A 317 -5.10 -4.09 -29.65
N PHE A 318 -4.57 -3.16 -28.87
CA PHE A 318 -5.34 -2.25 -28.01
C PHE A 318 -5.00 -0.79 -28.33
N PRO A 319 -5.93 0.18 -28.11
CA PRO A 319 -5.59 1.59 -28.40
C PRO A 319 -4.54 2.15 -27.44
N ASP A 320 -3.77 3.17 -27.88
CA ASP A 320 -2.72 3.82 -27.08
C ASP A 320 -3.24 4.32 -25.73
N GLY A 321 -4.48 4.84 -25.74
CA GLY A 321 -5.18 5.33 -24.55
C GLY A 321 -5.34 4.30 -23.45
N PHE A 322 -5.50 3.01 -23.83
CA PHE A 322 -5.63 1.93 -22.83
C PHE A 322 -4.37 1.84 -21.96
N TRP A 323 -3.17 1.82 -22.58
CA TRP A 323 -1.90 1.71 -21.87
C TRP A 323 -1.59 2.93 -21.01
N LEU A 324 -2.18 4.09 -21.38
CA LEU A 324 -2.01 5.35 -20.65
C LEU A 324 -3.07 5.54 -19.55
N GLY A 325 -4.00 4.60 -19.44
CA GLY A 325 -5.07 4.66 -18.46
C GLY A 325 -6.15 5.68 -18.78
N GLU A 326 -6.26 6.05 -20.07
CA GLU A 326 -7.21 7.03 -20.56
C GLU A 326 -8.54 6.40 -20.98
N GLN A 327 -8.56 5.06 -21.12
CA GLN A 327 -9.76 4.34 -21.53
C GLN A 327 -9.71 2.90 -21.08
N LEU A 328 -10.88 2.30 -20.91
CA LEU A 328 -10.98 0.90 -20.50
C LEU A 328 -11.03 0.00 -21.73
N VAL A 329 -10.67 -1.27 -21.53
CA VAL A 329 -10.76 -2.30 -22.56
C VAL A 329 -11.78 -3.33 -22.05
N CYS A 330 -12.75 -3.68 -22.91
CA CYS A 330 -13.82 -4.58 -22.54
C CYS A 330 -13.84 -5.86 -23.38
N TRP A 331 -14.13 -6.99 -22.73
CA TRP A 331 -14.29 -8.32 -23.32
C TRP A 331 -15.66 -8.84 -22.89
N GLN A 332 -16.18 -9.88 -23.58
CA GLN A 332 -17.48 -10.49 -23.27
C GLN A 332 -17.58 -10.98 -21.81
N ALA A 333 -18.79 -10.89 -21.24
CA ALA A 333 -19.23 -11.18 -19.85
C ALA A 333 -18.49 -12.31 -19.08
N GLY A 334 -17.92 -13.29 -19.79
CA GLY A 334 -17.19 -14.38 -19.16
C GLY A 334 -15.81 -14.70 -19.73
N THR A 335 -15.33 -13.91 -20.71
CA THR A 335 -14.05 -14.13 -21.38
C THR A 335 -12.85 -13.59 -20.54
N THR A 336 -11.98 -12.76 -21.16
CA THR A 336 -10.73 -12.15 -20.64
C THR A 336 -9.56 -13.11 -20.92
N PRO A 337 -8.71 -12.81 -21.92
CA PRO A 337 -7.59 -13.71 -22.22
C PRO A 337 -6.36 -13.39 -21.36
N TRP A 338 -6.41 -13.81 -20.07
CA TRP A 338 -5.32 -13.60 -19.11
C TRP A 338 -3.97 -14.10 -19.65
N ASN A 339 -3.99 -15.26 -20.33
CA ASN A 339 -2.85 -15.96 -20.92
C ASN A 339 -2.07 -15.17 -21.98
N ILE A 340 -2.71 -14.18 -22.65
CA ILE A 340 -2.00 -13.35 -23.65
C ILE A 340 -1.15 -12.27 -22.97
N PHE A 341 -1.50 -11.90 -21.72
CA PHE A 341 -0.77 -10.87 -20.97
C PHE A 341 0.44 -11.44 -20.24
N PRO A 342 1.58 -10.73 -20.24
CA PRO A 342 2.78 -11.28 -19.61
C PRO A 342 2.83 -11.13 -18.09
N VAL A 343 3.76 -11.85 -17.47
CA VAL A 343 4.01 -11.76 -16.04
CA VAL A 343 4.03 -11.80 -16.05
C VAL A 343 5.03 -10.64 -15.84
N ILE A 344 4.97 -9.95 -14.69
CA ILE A 344 5.90 -8.85 -14.40
C ILE A 344 6.70 -9.20 -13.16
N SER A 345 8.03 -9.16 -13.30
CA SER A 345 8.94 -9.48 -12.20
C SER A 345 9.79 -8.29 -11.79
N LEU A 346 9.85 -8.06 -10.48
CA LEU A 346 10.69 -7.03 -9.89
C LEU A 346 11.69 -7.75 -9.01
N TYR A 347 12.97 -7.52 -9.26
CA TYR A 347 14.03 -8.09 -8.43
C TYR A 347 14.33 -7.04 -7.39
N LEU A 348 14.35 -7.46 -6.13
CA LEU A 348 14.62 -6.54 -5.02
C LEU A 348 15.97 -6.83 -4.41
N MET A 349 16.66 -5.79 -3.91
CA MET A 349 17.95 -5.96 -3.25
C MET A 349 17.75 -6.96 -2.09
N GLY A 350 18.64 -7.93 -1.94
CA GLY A 350 18.52 -8.90 -0.86
C GLY A 350 19.18 -8.45 0.43
N GLU A 351 19.24 -9.37 1.40
CA GLU A 351 19.85 -9.10 2.71
C GLU A 351 21.37 -9.17 2.66
N VAL A 352 21.91 -9.90 1.68
CA VAL A 352 23.36 -10.18 1.56
C VAL A 352 23.96 -9.50 0.34
N THR A 353 25.27 -9.14 0.43
CA THR A 353 26.07 -8.58 -0.65
C THR A 353 25.89 -9.44 -1.90
N ASN A 354 25.53 -8.79 -3.02
CA ASN A 354 25.36 -9.39 -4.35
C ASN A 354 24.21 -10.40 -4.44
N GLN A 355 23.33 -10.42 -3.43
CA GLN A 355 22.20 -11.36 -3.41
C GLN A 355 20.89 -10.60 -3.57
N SER A 356 20.01 -11.09 -4.47
CA SER A 356 18.68 -10.51 -4.69
C SER A 356 17.62 -11.63 -4.69
N PHE A 357 16.36 -11.23 -4.84
CA PHE A 357 15.24 -12.15 -4.99
C PHE A 357 14.24 -11.47 -5.91
N ARG A 358 13.30 -12.22 -6.47
CA ARG A 358 12.34 -11.63 -7.37
C ARG A 358 10.91 -11.90 -6.96
N ILE A 359 10.06 -10.90 -7.14
CA ILE A 359 8.63 -11.01 -6.89
C ILE A 359 7.97 -10.93 -8.28
N THR A 360 6.97 -11.76 -8.51
CA THR A 360 6.31 -11.85 -9.81
C THR A 360 4.81 -11.68 -9.68
N ILE A 361 4.23 -10.76 -10.46
CA ILE A 361 2.79 -10.51 -10.47
C ILE A 361 2.21 -10.90 -11.81
N LEU A 362 0.91 -11.21 -11.80
CA LEU A 362 0.12 -11.64 -12.95
C LEU A 362 -0.76 -10.51 -13.50
N PRO A 363 -1.34 -10.67 -14.73
CA PRO A 363 -2.30 -9.67 -15.22
C PRO A 363 -3.50 -9.52 -14.29
N GLN A 364 -3.84 -10.58 -13.49
CA GLN A 364 -4.93 -10.52 -12.51
C GLN A 364 -4.66 -9.42 -11.47
N GLN A 365 -3.37 -9.05 -11.29
CA GLN A 365 -3.01 -7.96 -10.38
C GLN A 365 -3.01 -6.60 -11.09
N TYR A 366 -2.40 -6.50 -12.31
CA TYR A 366 -2.26 -5.20 -12.95
C TYR A 366 -3.38 -4.80 -13.94
N LEU A 367 -4.32 -5.71 -14.26
CA LEU A 367 -5.50 -5.41 -15.09
C LEU A 367 -6.68 -5.43 -14.13
N ARG A 368 -7.11 -4.25 -13.66
CA ARG A 368 -8.16 -4.13 -12.66
C ARG A 368 -9.57 -4.04 -13.25
N PRO A 369 -10.52 -4.90 -12.82
CA PRO A 369 -11.88 -4.80 -13.39
C PRO A 369 -12.59 -3.56 -12.88
N VAL A 370 -13.37 -2.93 -13.76
CA VAL A 370 -14.15 -1.74 -13.42
C VAL A 370 -15.61 -2.18 -13.47
N GLU A 371 -16.24 -2.29 -12.29
CA GLU A 371 -17.63 -2.73 -12.13
C GLU A 371 -18.64 -1.56 -12.08
N ASP A 372 -18.11 -0.32 -12.10
CA ASP A 372 -18.86 0.92 -12.06
C ASP A 372 -19.43 1.33 -13.44
N VAL A 373 -18.98 0.65 -14.53
CA VAL A 373 -19.36 0.92 -15.93
C VAL A 373 -20.86 0.74 -16.20
N ALA A 374 -21.51 1.83 -16.63
CA ALA A 374 -22.92 1.90 -17.01
C ALA A 374 -22.99 2.24 -18.52
N THR A 375 -21.88 1.97 -19.26
CA THR A 375 -21.62 2.21 -20.68
C THR A 375 -21.68 3.71 -21.00
N ASP A 378 -20.59 -5.71 -20.92
CA ASP A 378 -19.23 -6.20 -21.16
C ASP A 378 -18.33 -6.04 -19.92
N ASP A 379 -17.38 -6.98 -19.73
CA ASP A 379 -16.41 -6.96 -18.63
C ASP A 379 -15.25 -6.02 -18.98
N CYS A 380 -15.23 -4.83 -18.35
CA CYS A 380 -14.24 -3.79 -18.63
C CYS A 380 -13.11 -3.74 -17.60
N TYR A 381 -11.89 -3.48 -18.09
CA TYR A 381 -10.69 -3.42 -17.26
C TYR A 381 -9.91 -2.12 -17.46
N LYS A 382 -9.19 -1.73 -16.42
CA LYS A 382 -8.31 -0.55 -16.37
C LYS A 382 -6.87 -1.08 -16.25
N PHE A 383 -5.94 -0.53 -17.06
CA PHE A 383 -4.52 -0.90 -16.96
C PHE A 383 -4.02 -0.15 -15.72
N ALA A 384 -3.60 -0.89 -14.69
CA ALA A 384 -3.22 -0.30 -13.41
C ALA A 384 -1.70 -0.15 -13.18
N ILE A 385 -0.96 0.05 -14.27
CA ILE A 385 0.46 0.38 -14.22
C ILE A 385 0.50 1.80 -14.81
N SER A 386 1.09 2.74 -14.11
CA SER A 386 1.09 4.13 -14.58
C SER A 386 2.42 4.85 -14.38
N GLN A 387 2.62 6.00 -15.06
CA GLN A 387 3.86 6.78 -14.96
C GLN A 387 3.85 7.60 -13.69
N SER A 388 5.04 7.85 -13.12
CA SER A 388 5.20 8.62 -11.90
C SER A 388 6.44 9.48 -11.95
N SER A 389 6.34 10.71 -11.43
CA SER A 389 7.49 11.61 -11.33
C SER A 389 8.03 11.57 -9.88
N THR A 390 7.48 10.68 -9.03
CA THR A 390 7.91 10.56 -7.63
C THR A 390 8.59 9.20 -7.35
N GLY A 391 8.92 8.48 -8.42
CA GLY A 391 9.61 7.20 -8.35
C GLY A 391 8.68 6.01 -8.44
N THR A 392 9.20 4.80 -8.15
CA THR A 392 8.37 3.61 -8.18
C THR A 392 7.49 3.58 -6.93
N VAL A 393 6.22 3.23 -7.13
CA VAL A 393 5.30 3.10 -6.01
C VAL A 393 4.69 1.71 -6.15
N MET A 394 5.04 0.83 -5.20
CA MET A 394 4.51 -0.52 -5.15
C MET A 394 3.20 -0.46 -4.37
N GLY A 395 2.13 -0.18 -5.10
CA GLY A 395 0.79 -0.04 -4.52
C GLY A 395 0.08 -1.37 -4.39
N ALA A 396 -1.27 -1.31 -4.26
CA ALA A 396 -2.15 -2.47 -4.15
C ALA A 396 -1.93 -3.50 -5.25
N VAL A 397 -1.60 -3.08 -6.51
CA VAL A 397 -1.39 -4.08 -7.57
C VAL A 397 -0.18 -4.97 -7.25
N ILE A 398 0.83 -4.45 -6.54
CA ILE A 398 1.95 -5.28 -6.12
C ILE A 398 1.52 -6.07 -4.87
N MET A 399 1.06 -5.35 -3.82
CA MET A 399 0.75 -5.88 -2.50
C MET A 399 -0.30 -6.98 -2.47
N GLU A 400 -1.28 -6.95 -3.41
CA GLU A 400 -2.32 -7.97 -3.43
C GLU A 400 -1.82 -9.36 -3.85
N GLY A 401 -0.62 -9.44 -4.43
CA GLY A 401 -0.05 -10.74 -4.77
C GLY A 401 0.71 -11.37 -3.62
N PHE A 402 1.04 -10.55 -2.60
CA PHE A 402 1.93 -10.98 -1.52
C PHE A 402 1.50 -10.69 -0.09
N TYR A 403 2.10 -11.42 0.84
CA TYR A 403 2.00 -11.19 2.26
C TYR A 403 3.23 -10.33 2.53
N VAL A 404 3.02 -9.10 3.02
CA VAL A 404 4.11 -8.13 3.19
C VAL A 404 4.39 -7.85 4.66
N VAL A 405 5.63 -8.12 5.09
CA VAL A 405 6.02 -7.94 6.47
C VAL A 405 6.85 -6.67 6.61
N PHE A 406 6.35 -5.70 7.37
CA PHE A 406 7.04 -4.45 7.64
C PHE A 406 7.81 -4.67 8.94
N ASP A 407 8.99 -5.27 8.78
CA ASP A 407 9.86 -5.61 9.91
C ASP A 407 10.72 -4.39 10.28
N ARG A 408 10.09 -3.43 10.98
CA ARG A 408 10.73 -2.20 11.42
C ARG A 408 11.90 -2.47 12.33
N ALA A 409 11.77 -3.44 13.26
CA ALA A 409 12.83 -3.80 14.21
C ALA A 409 14.14 -4.16 13.52
N ARG A 410 14.06 -4.77 12.31
CA ARG A 410 15.23 -5.19 11.54
C ARG A 410 15.46 -4.36 10.26
N LYS A 411 14.74 -3.21 10.12
CA LYS A 411 14.88 -2.30 8.98
C LYS A 411 14.81 -3.07 7.65
N ARG A 412 13.77 -3.91 7.51
CA ARG A 412 13.58 -4.74 6.32
C ARG A 412 12.13 -5.02 6.03
N ILE A 413 11.83 -5.34 4.78
CA ILE A 413 10.47 -5.67 4.33
C ILE A 413 10.48 -7.07 3.74
N GLY A 414 9.63 -7.93 4.27
CA GLY A 414 9.49 -9.31 3.81
C GLY A 414 8.37 -9.49 2.82
N PHE A 415 8.60 -10.31 1.79
CA PHE A 415 7.63 -10.66 0.77
C PHE A 415 7.49 -12.16 0.73
N ALA A 416 6.26 -12.65 0.63
CA ALA A 416 5.93 -14.06 0.47
C ALA A 416 4.65 -14.18 -0.35
N VAL A 417 4.51 -15.26 -1.13
CA VAL A 417 3.32 -15.49 -1.94
C VAL A 417 2.10 -15.49 -1.00
N SER A 418 1.12 -14.63 -1.27
CA SER A 418 -0.10 -14.53 -0.45
C SER A 418 -0.98 -15.75 -0.63
N ALA A 419 -1.53 -16.27 0.49
CA ALA A 419 -2.44 -17.43 0.43
C ALA A 419 -3.83 -17.04 -0.16
N CYS A 420 -4.08 -15.72 -0.34
CA CYS A 420 -5.37 -15.23 -0.88
C CYS A 420 -5.27 -14.57 -2.27
N HIS A 421 -4.08 -14.50 -2.89
CA HIS A 421 -3.93 -13.82 -4.18
C HIS A 421 -4.71 -14.50 -5.32
N VAL A 422 -5.23 -13.66 -6.23
CA VAL A 422 -6.02 -14.09 -7.39
C VAL A 422 -5.07 -14.58 -8.48
N HIS A 423 -5.31 -15.82 -8.94
CA HIS A 423 -4.51 -16.46 -9.99
C HIS A 423 -5.37 -17.44 -10.80
N ASP A 424 -4.73 -18.20 -11.70
CA ASP A 424 -5.41 -19.20 -12.53
C ASP A 424 -4.71 -20.57 -12.45
N GLU A 425 -5.14 -21.52 -13.30
CA GLU A 425 -4.60 -22.89 -13.37
C GLU A 425 -3.17 -22.96 -13.91
N PHE A 426 -2.77 -21.96 -14.73
CA PHE A 426 -1.46 -21.95 -15.39
C PHE A 426 -0.38 -21.17 -14.67
N ARG A 427 -0.74 -20.02 -14.06
CA ARG A 427 0.23 -19.15 -13.41
C ARG A 427 -0.18 -18.72 -12.01
N THR A 428 0.81 -18.41 -11.18
CA THR A 428 0.65 -17.99 -9.79
C THR A 428 1.66 -16.87 -9.53
N ALA A 429 1.36 -15.96 -8.58
CA ALA A 429 2.29 -14.93 -8.14
C ALA A 429 3.44 -15.68 -7.47
N ALA A 430 4.66 -15.15 -7.58
CA ALA A 430 5.80 -15.89 -7.05
C ALA A 430 6.80 -15.01 -6.33
N VAL A 431 7.50 -15.60 -5.34
CA VAL A 431 8.60 -14.94 -4.63
C VAL A 431 9.73 -15.97 -4.70
N GLU A 432 10.79 -15.68 -5.47
CA GLU A 432 11.86 -16.63 -5.70
C GLU A 432 13.25 -16.08 -5.47
N GLY A 433 14.16 -16.95 -5.06
CA GLY A 433 15.54 -16.58 -4.83
C GLY A 433 16.38 -17.75 -4.35
N PRO A 434 17.68 -17.52 -4.08
CA PRO A 434 18.41 -16.26 -4.27
C PRO A 434 18.97 -16.14 -5.68
N PHE A 435 19.21 -14.90 -6.13
CA PHE A 435 19.83 -14.64 -7.41
C PHE A 435 21.09 -13.81 -7.19
N VAL A 436 22.07 -13.93 -8.08
CA VAL A 436 23.28 -13.12 -7.96
C VAL A 436 23.06 -11.88 -8.82
N THR A 437 23.16 -10.71 -8.19
CA THR A 437 23.02 -9.41 -8.86
C THR A 437 24.14 -8.54 -8.33
N ASP A 438 25.04 -8.14 -9.22
CA ASP A 438 26.19 -7.32 -8.84
C ASP A 438 25.81 -5.84 -8.92
N LEU A 439 26.59 -4.97 -8.26
CA LEU A 439 26.42 -3.51 -8.28
C LEU A 439 25.05 -3.02 -7.79
N MET A 440 24.43 -3.75 -6.85
CA MET A 440 23.10 -3.39 -6.35
C MET A 440 23.03 -2.05 -5.64
N GLU A 441 24.13 -1.66 -4.95
CA GLU A 441 24.26 -0.38 -4.24
C GLU A 441 24.18 0.80 -5.21
N ASP A 442 24.62 0.60 -6.46
CA ASP A 442 24.58 1.58 -7.53
C ASP A 442 23.15 1.85 -8.04
N CYS A 443 22.15 1.00 -7.67
CA CYS A 443 20.76 1.18 -8.12
C CYS A 443 20.02 2.29 -7.36
N GLY A 444 20.48 2.61 -6.16
CA GLY A 444 19.88 3.65 -5.33
C GLY A 444 20.20 5.04 -5.86
N TYR A 445 19.19 5.90 -5.95
CA TYR A 445 19.36 7.27 -6.42
C TYR A 445 19.80 8.16 -5.25
#